data_7PCB
#
_entry.id   7PCB
#
_cell.length_a   53.680
_cell.length_b   59.210
_cell.length_c   180.960
_cell.angle_alpha   90.000
_cell.angle_beta   90.000
_cell.angle_gamma   90.000
#
_symmetry.space_group_name_H-M   'P 2 21 21'
#
loop_
_entity.id
_entity.type
_entity.pdbx_description
1 polymer 'Sorting nexin-27,Annexin A2'
2 non-polymer 'CALCIUM ION'
3 non-polymer GLYCEROL
4 water water
#
_entity_poly.entity_id   1
_entity_poly.type   'polypeptide(L)'
_entity_poly.pdbx_seq_one_letter_code
;GSHMGGPRVVRIVKSESGYGFNVRGQVSEGGQLRSINGELYAPLQHVSAVLPGGAADRAGVRKGDRILEVNHVNVEGATH
KQVVDLIRAGEKELILTVLSVPPHEADGSAYTNFDAERDALNIETAIKTKGVDEVTIVNILTNRSNEQRQDIAFAYQRRT
KKELASALKSALSGHLETVILGLLKTPAQYDASELKASMKGLGTDEDSLIEIICSRTNQELQEINRVYKEMYKTDLEKDI
ISDTSGDFRKLMVALAKGRRAEDGSVIDYELIDQDARDLYDAGVKRKGTDVPKWISIMTERSVPHLQKVFDRYKSYSPYD
MLESIRKEVKGDLENAFLNLVQCIQNKPLYFADRLYDSMKGKGTRDKVLIRIMVSRSEVDMLKIRSEFKRKYGKSLYYYI
QQDTKGDYQKALLYLCGGDD
;
_entity_poly.pdbx_strand_id   A
#
# COMPACT_ATOMS: atom_id res chain seq x y z
N GLY A 6 28.69 -12.71 7.39
CA GLY A 6 28.78 -13.23 8.76
C GLY A 6 28.36 -12.18 9.76
N PRO A 7 28.24 -12.50 11.06
CA PRO A 7 27.75 -11.54 12.05
C PRO A 7 28.40 -10.17 11.85
N ARG A 8 27.61 -9.19 11.43
CA ARG A 8 28.15 -7.83 11.14
C ARG A 8 27.34 -6.81 11.95
N VAL A 9 28.00 -5.77 12.45
CA VAL A 9 27.31 -4.76 13.25
C VAL A 9 27.00 -3.57 12.36
N VAL A 10 25.83 -2.98 12.55
CA VAL A 10 25.37 -1.83 11.79
C VAL A 10 24.70 -0.85 12.76
N ARG A 11 25.02 0.43 12.61
CA ARG A 11 24.43 1.49 13.40
C ARG A 11 23.58 2.38 12.51
N ILE A 12 22.34 2.63 12.92
CA ILE A 12 21.35 3.36 12.14
C ILE A 12 20.88 4.56 12.96
N VAL A 13 20.91 5.74 12.34
CA VAL A 13 20.51 6.96 13.02
C VAL A 13 18.99 7.01 13.14
N LYS A 14 18.51 7.50 14.28
CA LYS A 14 17.08 7.69 14.49
C LYS A 14 16.67 9.08 14.00
N SER A 15 15.49 9.17 13.41
CA SER A 15 15.00 10.43 12.88
C SER A 15 13.48 10.43 12.89
N GLU A 16 12.90 11.57 12.52
CA GLU A 16 11.46 11.66 12.33
C GLU A 16 10.99 10.99 11.05
N SER A 17 11.88 10.31 10.33
CA SER A 17 11.52 9.53 9.16
C SER A 17 11.43 8.03 9.47
N GLY A 18 11.71 7.64 10.71
CA GLY A 18 11.79 6.23 11.05
C GLY A 18 13.07 5.62 10.53
N TYR A 19 13.25 4.33 10.85
CA TYR A 19 14.46 3.63 10.45
C TYR A 19 14.39 3.11 9.02
N GLY A 20 13.20 2.99 8.45
CA GLY A 20 13.08 2.64 7.05
C GLY A 20 13.30 1.18 6.73
N PHE A 21 12.88 0.27 7.61
CA PHE A 21 12.99 -1.16 7.35
C PHE A 21 12.03 -1.90 8.27
N ASN A 22 11.71 -3.13 7.87
CA ASN A 22 10.80 -3.99 8.62
C ASN A 22 11.49 -5.30 8.98
N VAL A 23 11.02 -5.90 10.06
CA VAL A 23 11.45 -7.24 10.47
C VAL A 23 10.20 -8.11 10.60
N ARG A 24 10.33 -9.38 10.24
CA ARG A 24 9.22 -10.32 10.32
C ARG A 24 9.77 -11.71 10.67
N GLY A 25 8.87 -12.58 11.07
CA GLY A 25 9.24 -13.94 11.45
C GLY A 25 9.58 -14.79 10.23
N GLN A 26 10.02 -16.01 10.52
CA GLN A 26 10.40 -16.94 9.48
C GLN A 26 9.17 -17.44 8.74
N VAL A 27 9.10 -17.18 7.44
CA VAL A 27 7.99 -17.68 6.63
C VAL A 27 8.03 -19.20 6.55
N SER A 28 9.20 -19.76 6.23
CA SER A 28 9.40 -21.20 6.19
C SER A 28 9.76 -21.69 7.59
N GLU A 29 8.76 -21.69 8.45
CA GLU A 29 8.98 -21.97 9.87
C GLU A 29 9.42 -23.40 10.10
N GLY A 30 8.67 -24.36 9.56
CA GLY A 30 8.94 -25.76 9.81
C GLY A 30 9.80 -26.47 8.80
N GLY A 31 10.29 -25.77 7.77
CA GLY A 31 11.02 -26.44 6.71
C GLY A 31 12.36 -25.86 6.33
N GLN A 32 12.37 -24.67 5.75
CA GLN A 32 13.59 -24.10 5.18
C GLN A 32 14.41 -23.31 6.20
N LEU A 33 14.15 -23.49 7.49
CA LEU A 33 14.98 -22.85 8.52
C LEU A 33 16.23 -23.70 8.70
N ARG A 34 17.36 -23.22 8.18
CA ARG A 34 18.60 -23.99 8.17
C ARG A 34 19.75 -23.04 8.44
N SER A 35 20.95 -23.42 8.02
CA SER A 35 22.13 -22.61 8.23
C SER A 35 22.14 -21.44 7.26
N ILE A 36 22.23 -20.23 7.80
CA ILE A 36 22.30 -19.00 7.00
C ILE A 36 23.76 -18.61 6.85
N ASN A 37 24.21 -18.48 5.60
CA ASN A 37 25.56 -18.02 5.27
C ASN A 37 26.63 -18.85 5.98
N GLY A 38 26.31 -20.14 6.19
CA GLY A 38 27.28 -21.13 6.62
C GLY A 38 27.16 -21.58 8.06
N GLU A 39 26.28 -20.97 8.85
CA GLU A 39 26.15 -21.33 10.25
C GLU A 39 24.68 -21.49 10.63
N LEU A 40 24.34 -22.65 11.19
CA LEU A 40 23.01 -22.87 11.73
C LEU A 40 22.82 -22.08 13.02
N TYR A 41 21.58 -21.64 13.25
CA TYR A 41 21.29 -20.77 14.38
C TYR A 41 19.90 -21.07 14.92
N ALA A 42 19.54 -20.35 15.98
CA ALA A 42 18.20 -20.41 16.55
C ALA A 42 17.24 -19.59 15.69
N PRO A 43 15.94 -19.74 15.89
CA PRO A 43 14.98 -18.92 15.13
C PRO A 43 15.22 -17.44 15.34
N LEU A 44 15.25 -16.69 14.23
CA LEU A 44 15.55 -15.27 14.24
C LEU A 44 14.58 -14.53 13.33
N GLN A 45 14.35 -13.26 13.65
CA GLN A 45 13.65 -12.37 12.75
C GLN A 45 14.57 -11.99 11.59
N HIS A 46 13.96 -11.61 10.46
CA HIS A 46 14.70 -11.24 9.27
C HIS A 46 14.14 -9.94 8.71
N VAL A 47 15.00 -9.21 7.99
CA VAL A 47 14.60 -7.96 7.35
C VAL A 47 13.76 -8.32 6.12
N SER A 48 12.48 -7.98 6.14
CA SER A 48 11.57 -8.30 5.05
C SER A 48 11.51 -7.20 3.99
N ALA A 49 11.85 -5.96 4.34
CA ALA A 49 11.83 -4.86 3.37
C ALA A 49 12.74 -3.75 3.86
N VAL A 50 13.37 -3.07 2.91
CA VAL A 50 14.26 -1.95 3.18
C VAL A 50 13.86 -0.80 2.27
N LEU A 51 13.57 0.35 2.86
CA LEU A 51 13.24 1.53 2.08
C LEU A 51 14.49 2.04 1.37
N PRO A 52 14.52 2.06 0.03
CA PRO A 52 15.69 2.60 -0.67
C PRO A 52 15.95 4.05 -0.29
N GLY A 53 17.21 4.36 -0.01
CA GLY A 53 17.58 5.67 0.50
C GLY A 53 17.26 5.91 1.94
N GLY A 54 16.56 4.99 2.61
CA GLY A 54 16.25 5.15 4.01
C GLY A 54 17.45 4.95 4.90
N ALA A 55 17.25 5.23 6.19
CA ALA A 55 18.36 5.19 7.14
C ALA A 55 18.96 3.79 7.24
N ALA A 56 18.13 2.75 7.15
CA ALA A 56 18.64 1.39 7.20
C ALA A 56 19.39 1.04 5.92
N ASP A 57 18.92 1.53 4.78
CA ASP A 57 19.59 1.27 3.51
C ASP A 57 20.96 1.95 3.47
N ARG A 58 21.03 3.21 3.89
CA ARG A 58 22.30 3.91 3.89
C ARG A 58 23.28 3.34 4.89
N ALA A 59 22.80 2.67 5.94
CA ALA A 59 23.67 2.08 6.94
C ALA A 59 24.19 0.71 6.55
N GLY A 60 23.61 0.08 5.52
CA GLY A 60 24.06 -1.21 5.05
C GLY A 60 23.10 -2.37 5.29
N VAL A 61 21.89 -2.11 5.77
CA VAL A 61 20.94 -3.19 5.99
C VAL A 61 20.39 -3.66 4.64
N ARG A 62 20.32 -4.98 4.47
CA ARG A 62 19.88 -5.58 3.23
C ARG A 62 18.70 -6.51 3.49
N LYS A 63 17.85 -6.66 2.47
CA LYS A 63 16.69 -7.52 2.58
C LYS A 63 17.13 -8.96 2.83
N GLY A 64 16.53 -9.59 3.83
CA GLY A 64 16.84 -10.95 4.20
C GLY A 64 17.81 -11.10 5.36
N ASP A 65 18.41 -10.00 5.81
CA ASP A 65 19.35 -10.06 6.92
C ASP A 65 18.67 -10.57 8.19
N ARG A 66 19.26 -11.59 8.81
CA ARG A 66 18.74 -12.11 10.07
C ARG A 66 19.26 -11.28 11.23
N ILE A 67 18.37 -10.97 12.17
CA ILE A 67 18.69 -10.10 13.30
C ILE A 67 19.18 -10.96 14.47
N LEU A 68 20.31 -10.59 15.05
CA LEU A 68 20.86 -11.26 16.21
C LEU A 68 20.78 -10.42 17.48
N GLU A 69 21.19 -9.15 17.42
CA GLU A 69 21.18 -8.28 18.57
C GLU A 69 20.54 -6.94 18.23
N VAL A 70 19.76 -6.42 19.17
CA VAL A 70 19.17 -5.08 19.07
C VAL A 70 19.72 -4.28 20.24
N ASN A 71 20.59 -3.31 19.92
CA ASN A 71 21.22 -2.45 20.93
C ASN A 71 21.99 -3.28 21.95
N HIS A 72 22.68 -4.32 21.48
CA HIS A 72 23.50 -5.15 22.32
C HIS A 72 22.77 -6.27 23.04
N VAL A 73 21.45 -6.36 22.89
CA VAL A 73 20.65 -7.36 23.57
C VAL A 73 20.33 -8.48 22.60
N ASN A 74 20.55 -9.72 23.04
CA ASN A 74 20.21 -10.88 22.21
C ASN A 74 18.70 -10.97 22.03
N VAL A 75 18.28 -11.13 20.76
CA VAL A 75 16.87 -11.19 20.40
C VAL A 75 16.49 -12.55 19.82
N GLU A 76 17.38 -13.53 19.93
CA GLU A 76 17.10 -14.86 19.41
C GLU A 76 15.89 -15.48 20.11
N GLY A 77 14.86 -15.80 19.33
CA GLY A 77 13.67 -16.42 19.87
C GLY A 77 12.63 -15.46 20.41
N ALA A 78 12.85 -14.15 20.31
CA ALA A 78 11.89 -13.18 20.82
C ALA A 78 10.76 -12.98 19.82
N THR A 79 9.59 -12.62 20.35
CA THR A 79 8.44 -12.38 19.50
C THR A 79 8.63 -11.11 18.68
N HIS A 80 7.81 -10.98 17.62
CA HIS A 80 7.88 -9.80 16.77
C HIS A 80 7.59 -8.54 17.57
N LYS A 81 6.66 -8.61 18.52
CA LYS A 81 6.35 -7.46 19.36
C LYS A 81 7.53 -7.08 20.25
N GLN A 82 8.31 -8.09 20.68
CA GLN A 82 9.44 -7.79 21.55
C GLN A 82 10.54 -7.04 20.80
N VAL A 83 10.82 -7.43 19.55
CA VAL A 83 11.84 -6.74 18.78
C VAL A 83 11.40 -5.32 18.45
N VAL A 84 10.13 -5.15 18.10
CA VAL A 84 9.60 -3.81 17.83
C VAL A 84 9.73 -2.94 19.08
N ASP A 85 9.51 -3.52 20.26
CA ASP A 85 9.69 -2.77 21.50
C ASP A 85 11.16 -2.44 21.74
N LEU A 86 12.06 -3.40 21.49
CA LEU A 86 13.49 -3.16 21.67
C LEU A 86 13.99 -2.11 20.70
N ILE A 87 13.58 -2.19 19.43
CA ILE A 87 13.96 -1.19 18.44
C ILE A 87 13.43 0.19 18.85
N ARG A 88 12.20 0.23 19.37
CA ARG A 88 11.62 1.50 19.80
C ARG A 88 12.34 2.08 21.00
N ALA A 89 13.00 1.23 21.80
CA ALA A 89 13.69 1.69 23.01
C ALA A 89 15.09 2.19 22.70
N GLY A 90 15.21 3.09 21.74
CA GLY A 90 16.47 3.73 21.42
C GLY A 90 16.34 5.24 21.39
N GLU A 91 17.02 5.92 22.32
CA GLU A 91 16.89 7.37 22.43
C GLU A 91 17.30 8.07 21.13
N LYS A 92 18.45 7.70 20.59
CA LYS A 92 18.99 8.41 19.43
C LYS A 92 19.53 7.52 18.33
N GLU A 93 19.58 6.20 18.52
CA GLU A 93 20.29 5.34 17.56
C GLU A 93 19.75 3.93 17.68
N LEU A 94 19.94 3.16 16.61
CA LEU A 94 19.65 1.74 16.59
C LEU A 94 20.90 0.99 16.13
N ILE A 95 21.39 0.09 16.97
CA ILE A 95 22.56 -0.73 16.66
C ILE A 95 22.08 -2.16 16.47
N LEU A 96 22.52 -2.80 15.39
CA LEU A 96 22.07 -4.15 15.03
C LEU A 96 23.26 -5.03 14.75
N THR A 97 23.08 -6.33 15.01
CA THR A 97 24.01 -7.37 14.59
C THR A 97 23.24 -8.28 13.64
N VAL A 98 23.62 -8.27 12.36
CA VAL A 98 22.82 -8.90 11.31
C VAL A 98 23.65 -9.99 10.64
N LEU A 99 22.97 -10.76 9.78
CA LEU A 99 23.58 -11.85 9.04
C LEU A 99 22.99 -11.87 7.64
N SER A 100 23.82 -11.59 6.63
CA SER A 100 23.34 -11.57 5.25
C SER A 100 23.03 -12.98 4.77
N VAL A 101 22.06 -13.07 3.86
CA VAL A 101 21.66 -14.35 3.27
C VAL A 101 21.75 -14.23 1.76
N PRO A 102 21.93 -15.33 1.03
CA PRO A 102 22.02 -15.28 -0.44
C PRO A 102 20.75 -14.70 -1.03
N PRO A 103 20.82 -14.16 -2.25
CA PRO A 103 19.64 -13.50 -2.82
C PRO A 103 18.46 -14.43 -3.06
N HIS A 104 18.71 -15.68 -3.45
CA HIS A 104 17.60 -16.61 -3.67
C HIS A 104 16.93 -17.03 -2.37
N GLU A 105 17.60 -16.85 -1.23
CA GLU A 105 17.00 -17.05 0.08
C GLU A 105 16.32 -15.78 0.60
N ALA A 106 16.09 -14.80 -0.27
CA ALA A 106 15.45 -13.55 0.13
C ALA A 106 14.53 -12.95 -0.92
N ASP A 107 14.49 -13.48 -2.14
CA ASP A 107 13.63 -12.95 -3.18
C ASP A 107 12.24 -13.58 -3.20
N GLY A 108 12.01 -14.60 -2.38
CA GLY A 108 10.73 -15.28 -2.30
C GLY A 108 10.74 -16.67 -2.89
N SER A 109 11.75 -17.03 -3.68
CA SER A 109 11.78 -18.31 -4.36
C SER A 109 12.06 -19.49 -3.43
N ALA A 110 12.43 -19.23 -2.17
CA ALA A 110 12.60 -20.32 -1.21
C ALA A 110 11.28 -20.83 -0.66
N TYR A 111 10.19 -20.08 -0.86
CA TYR A 111 8.86 -20.53 -0.46
C TYR A 111 8.42 -21.67 -1.35
N THR A 112 8.24 -22.85 -0.77
CA THR A 112 7.92 -24.06 -1.52
C THR A 112 6.43 -24.40 -1.41
N ASN A 113 6.01 -25.40 -2.18
CA ASN A 113 4.66 -25.92 -2.05
C ASN A 113 4.42 -26.50 -0.66
N PHE A 114 5.46 -27.03 -0.04
CA PHE A 114 5.35 -27.54 1.33
C PHE A 114 5.00 -26.41 2.30
N ASP A 115 5.64 -25.25 2.14
CA ASP A 115 5.29 -24.10 2.97
C ASP A 115 3.84 -23.68 2.74
N ALA A 116 3.41 -23.67 1.47
CA ALA A 116 2.02 -23.34 1.17
C ALA A 116 1.07 -24.35 1.76
N GLU A 117 1.39 -25.64 1.65
CA GLU A 117 0.53 -26.65 2.24
C GLU A 117 0.53 -26.56 3.76
N ARG A 118 1.67 -26.20 4.35
CA ARG A 118 1.73 -26.03 5.80
C ARG A 118 0.90 -24.84 6.24
N ASP A 119 0.99 -23.72 5.52
CA ASP A 119 0.18 -22.55 5.84
C ASP A 119 -1.31 -22.87 5.71
N ALA A 120 -1.68 -23.61 4.66
CA ALA A 120 -3.08 -23.97 4.46
C ALA A 120 -3.56 -24.91 5.56
N LEU A 121 -2.68 -25.81 6.02
N LEU A 121 -2.68 -25.81 6.03
CA LEU A 121 -3.05 -26.72 7.10
CA LEU A 121 -3.05 -26.72 7.10
C LEU A 121 -3.29 -25.96 8.40
C LEU A 121 -3.27 -25.98 8.42
N ASN A 122 -2.41 -25.00 8.72
CA ASN A 122 -2.57 -24.24 9.95
C ASN A 122 -3.78 -23.32 9.89
N ILE A 123 -4.15 -22.86 8.71
CA ILE A 123 -5.35 -22.03 8.60
C ILE A 123 -6.60 -22.89 8.77
N GLU A 124 -6.60 -24.09 8.17
CA GLU A 124 -7.73 -24.99 8.39
C GLU A 124 -7.87 -25.36 9.86
N THR A 125 -6.74 -25.57 10.54
CA THR A 125 -6.78 -25.85 11.97
C THR A 125 -7.40 -24.69 12.74
N ALA A 126 -7.00 -23.46 12.42
CA ALA A 126 -7.55 -22.31 13.12
C ALA A 126 -9.04 -22.13 12.84
N ILE A 127 -9.46 -22.37 11.59
CA ILE A 127 -10.87 -22.25 11.24
C ILE A 127 -11.70 -23.24 12.04
N LYS A 128 -11.24 -24.50 12.11
CA LYS A 128 -11.99 -25.56 12.76
C LYS A 128 -11.89 -25.51 14.28
N THR A 129 -10.96 -24.74 14.84
CA THR A 129 -10.85 -24.62 16.29
C THR A 129 -12.09 -23.95 16.87
N LYS A 130 -12.57 -24.50 17.99
CA LYS A 130 -13.75 -23.96 18.66
C LYS A 130 -13.60 -22.47 18.94
N GLY A 131 -14.55 -21.69 18.42
CA GLY A 131 -14.48 -20.25 18.55
C GLY A 131 -13.65 -19.56 17.51
N VAL A 132 -12.97 -20.31 16.63
CA VAL A 132 -12.11 -19.81 15.56
C VAL A 132 -10.87 -19.13 16.15
N ASP A 133 -9.70 -19.57 15.69
CA ASP A 133 -8.42 -19.01 16.13
C ASP A 133 -8.05 -17.89 15.16
N GLU A 134 -8.61 -16.71 15.40
CA GLU A 134 -8.34 -15.57 14.53
C GLU A 134 -6.90 -15.12 14.60
N VAL A 135 -6.26 -15.26 15.77
CA VAL A 135 -4.87 -14.81 15.93
C VAL A 135 -3.96 -15.53 14.93
N THR A 136 -4.09 -16.85 14.82
CA THR A 136 -3.24 -17.61 13.91
C THR A 136 -3.49 -17.20 12.46
N ILE A 137 -4.76 -17.06 12.08
CA ILE A 137 -5.11 -16.66 10.71
C ILE A 137 -4.46 -15.32 10.39
N VAL A 138 -4.53 -14.36 11.31
CA VAL A 138 -3.92 -13.06 11.09
C VAL A 138 -2.40 -13.18 11.00
N ASN A 139 -1.81 -13.93 11.93
CA ASN A 139 -0.35 -14.07 11.96
C ASN A 139 0.20 -14.57 10.63
N ILE A 140 -0.51 -15.51 9.99
CA ILE A 140 -0.03 -16.07 8.73
C ILE A 140 -0.29 -15.11 7.57
N LEU A 141 -1.55 -14.72 7.37
CA LEU A 141 -1.93 -14.07 6.13
C LEU A 141 -1.37 -12.65 6.01
N THR A 142 -1.16 -11.96 7.14
CA THR A 142 -0.59 -10.62 7.08
C THR A 142 0.92 -10.63 7.00
N ASN A 143 1.55 -11.80 7.10
CA ASN A 143 3.00 -11.92 6.99
C ASN A 143 3.40 -12.84 5.84
N ARG A 144 2.56 -12.89 4.81
CA ARG A 144 2.88 -13.56 3.55
C ARG A 144 2.68 -12.54 2.43
N SER A 145 3.44 -12.71 1.36
CA SER A 145 3.23 -11.88 0.18
C SER A 145 1.92 -12.26 -0.50
N ASN A 146 1.46 -11.38 -1.39
CA ASN A 146 0.22 -11.66 -2.12
C ASN A 146 0.34 -12.92 -2.96
N GLU A 147 1.51 -13.13 -3.57
CA GLU A 147 1.71 -14.34 -4.35
C GLU A 147 1.67 -15.58 -3.47
N GLN A 148 2.26 -15.50 -2.27
CA GLN A 148 2.22 -16.63 -1.35
C GLN A 148 0.79 -16.90 -0.88
N ARG A 149 -0.01 -15.86 -0.70
CA ARG A 149 -1.40 -16.05 -0.32
C ARG A 149 -2.18 -16.78 -1.42
N GLN A 150 -1.80 -16.58 -2.67
CA GLN A 150 -2.43 -17.34 -3.76
C GLN A 150 -2.03 -18.80 -3.71
N ASP A 151 -0.76 -19.09 -3.40
CA ASP A 151 -0.33 -20.47 -3.22
C ASP A 151 -1.05 -21.12 -2.05
N ILE A 152 -1.26 -20.37 -0.97
CA ILE A 152 -1.97 -20.90 0.20
C ILE A 152 -3.41 -21.23 -0.16
N ALA A 153 -4.07 -20.33 -0.91
CA ALA A 153 -5.46 -20.58 -1.30
C ALA A 153 -5.57 -21.81 -2.19
N PHE A 154 -4.64 -21.98 -3.13
CA PHE A 154 -4.66 -23.16 -3.99
C PHE A 154 -4.46 -24.43 -3.18
N ALA A 155 -3.46 -24.43 -2.29
CA ALA A 155 -3.21 -25.60 -1.45
C ALA A 155 -4.38 -25.87 -0.52
N TYR A 156 -5.03 -24.82 -0.02
CA TYR A 156 -6.18 -25.02 0.85
C TYR A 156 -7.31 -25.72 0.10
N GLN A 157 -7.58 -25.29 -1.13
CA GLN A 157 -8.63 -25.92 -1.91
C GLN A 157 -8.29 -27.38 -2.21
N ARG A 158 -7.00 -27.66 -2.44
CA ARG A 158 -6.60 -29.04 -2.74
C ARG A 158 -6.87 -29.97 -1.57
N ARG A 159 -6.60 -29.51 -0.35
CA ARG A 159 -6.72 -30.38 0.81
C ARG A 159 -8.13 -30.44 1.40
N THR A 160 -8.95 -29.42 1.18
CA THR A 160 -10.29 -29.39 1.76
C THR A 160 -11.41 -29.50 0.73
N LYS A 161 -11.12 -29.31 -0.56
CA LYS A 161 -12.12 -29.20 -1.62
C LYS A 161 -13.09 -28.04 -1.35
N LYS A 162 -12.67 -27.08 -0.55
CA LYS A 162 -13.40 -25.84 -0.32
C LYS A 162 -12.49 -24.66 -0.66
N GLU A 163 -13.09 -23.57 -1.13
CA GLU A 163 -12.33 -22.36 -1.39
C GLU A 163 -11.98 -21.67 -0.08
N LEU A 164 -10.73 -21.20 0.02
CA LEU A 164 -10.29 -20.57 1.26
C LEU A 164 -11.09 -19.30 1.55
N ALA A 165 -11.34 -18.49 0.52
CA ALA A 165 -12.10 -17.25 0.73
C ALA A 165 -13.50 -17.53 1.25
N SER A 166 -14.17 -18.54 0.69
CA SER A 166 -15.49 -18.91 1.19
C SER A 166 -15.42 -19.40 2.63
N ALA A 167 -14.41 -20.20 2.96
CA ALA A 167 -14.28 -20.74 4.31
C ALA A 167 -14.01 -19.64 5.31
N LEU A 168 -13.14 -18.68 4.96
CA LEU A 168 -12.84 -17.59 5.88
C LEU A 168 -14.01 -16.61 6.00
N LYS A 169 -14.83 -16.50 4.96
CA LYS A 169 -15.97 -15.59 5.01
C LYS A 169 -16.96 -16.01 6.09
N SER A 170 -17.20 -17.31 6.23
CA SER A 170 -18.10 -17.81 7.26
C SER A 170 -17.45 -17.90 8.63
N ALA A 171 -16.12 -18.01 8.67
CA ALA A 171 -15.42 -18.14 9.94
C ALA A 171 -15.20 -16.79 10.62
N LEU A 172 -15.03 -15.73 9.84
CA LEU A 172 -14.73 -14.40 10.35
C LEU A 172 -15.95 -13.50 10.25
N SER A 173 -15.82 -12.30 10.83
CA SER A 173 -16.90 -11.32 10.80
C SER A 173 -16.30 -9.94 11.02
N GLY A 174 -17.13 -8.91 10.83
CA GLY A 174 -16.72 -7.55 11.11
C GLY A 174 -15.65 -7.04 10.17
N HIS A 175 -14.87 -6.08 10.67
CA HIS A 175 -13.82 -5.47 9.85
C HIS A 175 -12.67 -6.42 9.60
N LEU A 176 -12.41 -7.36 10.51
CA LEU A 176 -11.36 -8.34 10.29
C LEU A 176 -11.65 -9.19 9.06
N GLU A 177 -12.90 -9.61 8.90
CA GLU A 177 -13.29 -10.32 7.68
C GLU A 177 -12.97 -9.50 6.45
N THR A 178 -13.26 -8.20 6.48
CA THR A 178 -12.99 -7.33 5.34
C THR A 178 -11.50 -7.29 5.01
N VAL A 179 -10.66 -7.17 6.05
CA VAL A 179 -9.22 -7.16 5.84
C VAL A 179 -8.75 -8.48 5.23
N ILE A 180 -9.14 -9.59 5.84
CA ILE A 180 -8.63 -10.90 5.42
C ILE A 180 -9.07 -11.22 4.00
N LEU A 181 -10.36 -11.05 3.71
CA LEU A 181 -10.84 -11.32 2.36
C LEU A 181 -10.19 -10.42 1.33
N GLY A 182 -9.86 -9.18 1.71
CA GLY A 182 -9.16 -8.30 0.80
C GLY A 182 -7.75 -8.76 0.51
N LEU A 183 -7.06 -9.26 1.55
CA LEU A 183 -5.69 -9.74 1.36
C LEU A 183 -5.62 -10.95 0.44
N LEU A 184 -6.71 -11.74 0.37
CA LEU A 184 -6.67 -12.97 -0.41
C LEU A 184 -6.73 -12.72 -1.91
N LYS A 185 -7.21 -11.55 -2.34
CA LYS A 185 -7.29 -11.25 -3.76
C LYS A 185 -5.95 -10.73 -4.28
N THR A 186 -5.70 -10.98 -5.56
CA THR A 186 -4.57 -10.37 -6.22
C THR A 186 -4.78 -8.85 -6.28
N PRO A 187 -3.71 -8.07 -6.49
CA PRO A 187 -3.88 -6.61 -6.52
C PRO A 187 -4.91 -6.15 -7.55
N ALA A 188 -4.88 -6.72 -8.76
CA ALA A 188 -5.86 -6.32 -9.77
C ALA A 188 -7.25 -6.79 -9.39
N GLN A 189 -7.37 -8.00 -8.84
CA GLN A 189 -8.67 -8.47 -8.37
C GLN A 189 -9.23 -7.57 -7.29
N TYR A 190 -8.39 -7.17 -6.32
CA TYR A 190 -8.88 -6.36 -5.22
C TYR A 190 -9.34 -4.99 -5.71
N ASP A 191 -8.51 -4.33 -6.52
CA ASP A 191 -8.90 -3.03 -7.05
C ASP A 191 -10.15 -3.13 -7.92
N ALA A 192 -10.23 -4.17 -8.75
CA ALA A 192 -11.39 -4.35 -9.61
C ALA A 192 -12.66 -4.54 -8.78
N SER A 193 -12.57 -5.34 -7.71
CA SER A 193 -13.75 -5.56 -6.87
C SER A 193 -14.09 -4.33 -6.04
N GLU A 194 -13.08 -3.55 -5.63
CA GLU A 194 -13.36 -2.29 -4.93
C GLU A 194 -14.01 -1.29 -5.87
N LEU A 195 -13.58 -1.26 -7.14
CA LEU A 195 -14.21 -0.39 -8.12
C LEU A 195 -15.65 -0.82 -8.39
N LYS A 196 -15.88 -2.12 -8.55
CA LYS A 196 -17.23 -2.63 -8.72
C LYS A 196 -18.12 -2.24 -7.54
N ALA A 197 -17.58 -2.38 -6.33
CA ALA A 197 -18.35 -2.04 -5.13
C ALA A 197 -18.68 -0.55 -5.09
N SER A 198 -17.77 0.30 -5.55
CA SER A 198 -18.01 1.74 -5.51
C SER A 198 -19.13 2.17 -6.45
N MET A 199 -19.44 1.36 -7.47
CA MET A 199 -20.51 1.67 -8.41
C MET A 199 -21.74 0.82 -8.21
N LYS A 200 -21.76 -0.01 -7.16
CA LYS A 200 -22.93 -0.85 -6.87
C LYS A 200 -23.98 -0.03 -6.13
N GLY A 201 -25.24 -0.40 -6.35
CA GLY A 201 -26.33 0.27 -5.70
C GLY A 201 -26.72 1.55 -6.40
N LEU A 202 -27.59 2.32 -5.71
CA LEU A 202 -28.18 3.51 -6.32
C LEU A 202 -27.15 4.61 -6.51
N GLY A 203 -26.47 5.00 -5.44
CA GLY A 203 -25.48 6.04 -5.51
C GLY A 203 -24.17 5.56 -6.15
N THR A 204 -23.18 6.44 -6.07
CA THR A 204 -21.79 6.09 -6.38
C THR A 204 -20.93 6.48 -5.19
N ASP A 205 -20.02 5.59 -4.79
CA ASP A 205 -19.01 5.94 -3.80
C ASP A 205 -17.90 6.68 -4.54
N GLU A 206 -18.12 7.99 -4.73
CA GLU A 206 -17.20 8.79 -5.51
C GLU A 206 -15.81 8.84 -4.87
N ASP A 207 -15.77 8.92 -3.53
CA ASP A 207 -14.48 8.96 -2.84
C ASP A 207 -13.63 7.75 -3.18
N SER A 208 -14.23 6.55 -3.14
CA SER A 208 -13.48 5.34 -3.44
C SER A 208 -13.12 5.26 -4.92
N LEU A 209 -14.06 5.58 -5.80
CA LEU A 209 -13.79 5.59 -7.23
C LEU A 209 -12.63 6.53 -7.55
N ILE A 210 -12.65 7.73 -6.94
CA ILE A 210 -11.59 8.70 -7.20
C ILE A 210 -10.26 8.19 -6.67
N GLU A 211 -10.26 7.67 -5.44
CA GLU A 211 -9.02 7.23 -4.81
C GLU A 211 -8.30 6.17 -5.66
N ILE A 212 -9.05 5.19 -6.17
CA ILE A 212 -8.42 4.11 -6.92
C ILE A 212 -7.98 4.58 -8.29
N ILE A 213 -8.86 5.29 -9.01
CA ILE A 213 -8.56 5.67 -10.38
C ILE A 213 -7.43 6.69 -10.42
N CYS A 214 -7.38 7.61 -9.46
CA CYS A 214 -6.38 8.68 -9.49
C CYS A 214 -5.00 8.22 -9.02
N SER A 215 -4.91 7.12 -8.26
CA SER A 215 -3.65 6.73 -7.64
C SER A 215 -2.98 5.53 -8.29
N ARG A 216 -3.63 4.85 -9.23
CA ARG A 216 -3.06 3.66 -9.85
C ARG A 216 -2.27 4.02 -11.10
N THR A 217 -1.19 3.30 -11.33
CA THR A 217 -0.30 3.56 -12.46
C THR A 217 -0.88 2.99 -13.75
N ASN A 218 -0.22 3.30 -14.86
CA ASN A 218 -0.57 2.70 -16.14
C ASN A 218 -0.62 1.19 -16.04
N GLN A 219 0.46 0.59 -15.53
CA GLN A 219 0.58 -0.86 -15.49
C GLN A 219 -0.49 -1.49 -14.61
N GLU A 220 -0.76 -0.86 -13.46
CA GLU A 220 -1.80 -1.35 -12.57
C GLU A 220 -3.18 -1.23 -13.23
N LEU A 221 -3.43 -0.12 -13.92
CA LEU A 221 -4.74 0.10 -14.53
C LEU A 221 -4.97 -0.84 -15.72
N GLN A 222 -3.92 -1.11 -16.50
CA GLN A 222 -4.04 -2.07 -17.60
C GLN A 222 -4.51 -3.41 -17.09
N GLU A 223 -3.91 -3.90 -16.00
CA GLU A 223 -4.29 -5.19 -15.46
C GLU A 223 -5.66 -5.13 -14.79
N ILE A 224 -6.00 -4.00 -14.16
CA ILE A 224 -7.34 -3.83 -13.61
C ILE A 224 -8.38 -3.92 -14.71
N ASN A 225 -8.13 -3.27 -15.84
CA ASN A 225 -9.08 -3.32 -16.96
C ASN A 225 -9.26 -4.74 -17.47
N ARG A 226 -8.17 -5.51 -17.55
CA ARG A 226 -8.28 -6.89 -18.02
C ARG A 226 -9.04 -7.75 -17.02
N VAL A 227 -8.69 -7.65 -15.74
CA VAL A 227 -9.29 -8.50 -14.72
C VAL A 227 -10.74 -8.12 -14.47
N TYR A 228 -11.06 -6.82 -14.49
CA TYR A 228 -12.44 -6.39 -14.35
C TYR A 228 -13.33 -7.00 -15.42
N LYS A 229 -12.85 -7.02 -16.67
CA LYS A 229 -13.60 -7.64 -17.75
C LYS A 229 -13.79 -9.14 -17.51
N GLU A 230 -12.74 -9.81 -17.03
CA GLU A 230 -12.85 -11.24 -16.76
C GLU A 230 -13.82 -11.51 -15.62
N MET A 231 -13.76 -10.71 -14.57
CA MET A 231 -14.57 -10.97 -13.38
C MET A 231 -16.05 -10.66 -13.62
N TYR A 232 -16.34 -9.56 -14.32
CA TYR A 232 -17.71 -9.06 -14.42
C TYR A 232 -18.28 -9.05 -15.83
N LYS A 233 -17.52 -9.48 -16.83
CA LYS A 233 -17.98 -9.64 -18.21
C LYS A 233 -18.37 -8.31 -18.86
N THR A 234 -17.94 -7.20 -18.27
N THR A 234 -17.97 -7.20 -18.25
CA THR A 234 -18.17 -5.87 -18.80
CA THR A 234 -18.15 -5.89 -18.86
C THR A 234 -16.90 -5.04 -18.61
C THR A 234 -16.88 -5.08 -18.65
N ASP A 235 -16.65 -4.14 -19.56
CA ASP A 235 -15.48 -3.27 -19.46
C ASP A 235 -15.66 -2.29 -18.31
N LEU A 236 -14.58 -2.03 -17.58
CA LEU A 236 -14.61 -1.04 -16.52
C LEU A 236 -15.08 0.31 -17.05
N GLU A 237 -14.64 0.68 -18.26
CA GLU A 237 -15.00 1.97 -18.83
C GLU A 237 -16.50 2.10 -19.02
N LYS A 238 -17.17 0.99 -19.39
CA LYS A 238 -18.61 1.06 -19.59
C LYS A 238 -19.35 1.24 -18.28
N ASP A 239 -18.88 0.60 -17.21
CA ASP A 239 -19.50 0.80 -15.90
C ASP A 239 -19.28 2.22 -15.39
N ILE A 240 -18.09 2.78 -15.62
CA ILE A 240 -17.83 4.17 -15.24
C ILE A 240 -18.77 5.11 -15.99
N ILE A 241 -18.91 4.89 -17.30
CA ILE A 241 -19.79 5.73 -18.12
C ILE A 241 -21.22 5.62 -17.64
N SER A 242 -21.64 4.44 -17.21
CA SER A 242 -23.01 4.24 -16.74
C SER A 242 -23.26 4.94 -15.41
N ASP A 243 -22.24 5.01 -14.55
CA ASP A 243 -22.41 5.47 -13.17
C ASP A 243 -22.11 6.95 -12.97
N THR A 244 -21.43 7.60 -13.90
CA THR A 244 -21.02 8.99 -13.77
C THR A 244 -21.54 9.80 -14.93
N SER A 245 -21.33 11.11 -14.87
CA SER A 245 -21.78 12.02 -15.92
C SER A 245 -20.95 13.31 -15.87
N GLY A 246 -21.16 14.16 -16.86
CA GLY A 246 -20.53 15.46 -16.92
C GLY A 246 -19.02 15.39 -17.12
N ASP A 247 -18.33 16.44 -16.69
CA ASP A 247 -16.87 16.47 -16.78
C ASP A 247 -16.24 15.45 -15.84
N PHE A 248 -16.89 15.14 -14.72
CA PHE A 248 -16.38 14.13 -13.81
C PHE A 248 -16.26 12.78 -14.51
N ARG A 249 -17.25 12.44 -15.34
CA ARG A 249 -17.18 11.22 -16.13
C ARG A 249 -16.00 11.27 -17.09
N LYS A 250 -15.85 12.39 -17.81
CA LYS A 250 -14.77 12.52 -18.79
C LYS A 250 -13.40 12.34 -18.14
N LEU A 251 -13.23 12.89 -16.94
CA LEU A 251 -11.95 12.77 -16.24
C LEU A 251 -11.72 11.32 -15.79
N MET A 252 -12.77 10.69 -15.22
CA MET A 252 -12.63 9.32 -14.75
C MET A 252 -12.34 8.36 -15.90
N VAL A 253 -13.06 8.50 -17.01
CA VAL A 253 -12.86 7.63 -18.16
C VAL A 253 -11.44 7.81 -18.71
N ALA A 254 -10.97 9.06 -18.80
CA ALA A 254 -9.63 9.31 -19.31
C ALA A 254 -8.58 8.65 -18.43
N LEU A 255 -8.65 8.89 -17.12
CA LEU A 255 -7.66 8.33 -16.20
C LEU A 255 -7.69 6.80 -16.20
N ALA A 256 -8.89 6.21 -16.28
CA ALA A 256 -9.02 4.76 -16.17
C ALA A 256 -8.37 4.01 -17.33
N LYS A 257 -8.13 4.69 -18.46
CA LYS A 257 -7.53 4.01 -19.60
C LYS A 257 -6.11 3.53 -19.29
N GLY A 258 -5.42 4.21 -18.38
CA GLY A 258 -4.06 3.86 -18.07
C GLY A 258 -3.09 4.05 -19.21
N ARG A 259 -3.24 5.14 -19.96
CA ARG A 259 -2.39 5.43 -21.11
C ARG A 259 -1.66 6.76 -20.93
N ARG A 260 -1.36 7.13 -19.69
CA ARG A 260 -0.54 8.30 -19.44
C ARG A 260 0.84 8.09 -20.08
N ALA A 261 1.45 9.19 -20.50
CA ALA A 261 2.81 9.12 -21.03
C ALA A 261 3.77 8.61 -19.97
N GLU A 262 4.63 7.67 -20.36
CA GLU A 262 5.64 7.19 -19.45
C GLU A 262 6.73 8.24 -19.27
N ASP A 263 7.47 8.14 -18.17
CA ASP A 263 8.54 9.07 -17.90
C ASP A 263 9.61 8.98 -18.98
N GLY A 264 9.77 10.05 -19.76
CA GLY A 264 10.77 10.07 -20.80
C GLY A 264 12.17 10.32 -20.26
N SER A 265 13.13 10.23 -21.16
CA SER A 265 14.53 10.43 -20.78
C SER A 265 14.93 11.90 -20.76
N VAL A 266 14.26 12.74 -21.55
CA VAL A 266 14.58 14.16 -21.63
C VAL A 266 13.45 14.96 -20.99
N ILE A 267 13.82 15.98 -20.23
CA ILE A 267 12.86 16.92 -19.65
C ILE A 267 12.46 17.92 -20.73
N ASP A 268 11.15 17.98 -21.01
CA ASP A 268 10.63 18.86 -22.06
C ASP A 268 10.28 20.21 -21.43
N TYR A 269 11.30 21.06 -21.31
CA TYR A 269 11.13 22.34 -20.62
C TYR A 269 10.15 23.25 -21.34
N GLU A 270 10.19 23.28 -22.68
CA GLU A 270 9.28 24.14 -23.42
C GLU A 270 7.82 23.72 -23.21
N LEU A 271 7.57 22.40 -23.21
CA LEU A 271 6.21 21.93 -22.99
C LEU A 271 5.78 22.12 -21.54
N ILE A 272 6.71 22.01 -20.60
CA ILE A 272 6.40 22.32 -19.21
C ILE A 272 5.86 23.74 -19.08
N ASP A 273 6.53 24.69 -19.73
CA ASP A 273 6.09 26.07 -19.68
C ASP A 273 4.76 26.26 -20.40
N GLN A 274 4.59 25.60 -21.55
CA GLN A 274 3.35 25.78 -22.30
C GLN A 274 2.17 25.17 -21.56
N ASP A 275 2.36 24.01 -20.93
CA ASP A 275 1.29 23.40 -20.16
C ASP A 275 0.88 24.28 -18.99
N ALA A 276 1.85 24.92 -18.34
CA ALA A 276 1.55 25.83 -17.23
C ALA A 276 0.72 27.01 -17.71
N ARG A 277 1.13 27.65 -18.80
CA ARG A 277 0.35 28.74 -19.38
C ARG A 277 -1.06 28.30 -19.72
N ASP A 278 -1.18 27.14 -20.38
CA ASP A 278 -2.50 26.64 -20.77
C ASP A 278 -3.38 26.40 -19.55
N LEU A 279 -2.81 25.81 -18.49
CA LEU A 279 -3.57 25.59 -17.27
C LEU A 279 -4.07 26.90 -16.67
N TYR A 280 -3.22 27.94 -16.71
CA TYR A 280 -3.62 29.24 -16.19
C TYR A 280 -4.66 29.91 -17.08
N ASP A 281 -4.41 29.90 -18.40
CA ASP A 281 -5.36 30.51 -19.34
C ASP A 281 -6.71 29.84 -19.27
N ALA A 282 -6.74 28.53 -19.01
CA ALA A 282 -7.99 27.79 -19.00
C ALA A 282 -8.77 27.92 -17.69
N GLY A 283 -8.17 28.50 -16.65
CA GLY A 283 -8.83 28.56 -15.36
C GLY A 283 -8.85 29.93 -14.70
N VAL A 284 -7.83 30.20 -13.87
CA VAL A 284 -7.84 31.40 -13.02
C VAL A 284 -7.87 32.67 -13.85
N LYS A 285 -7.23 32.67 -15.02
CA LYS A 285 -7.11 33.89 -15.81
C LYS A 285 -8.43 34.34 -16.43
N ARG A 286 -9.39 33.42 -16.58
CA ARG A 286 -10.62 33.71 -17.31
C ARG A 286 -11.84 33.46 -16.43
N LYS A 287 -12.98 34.00 -16.86
CA LYS A 287 -14.25 33.63 -16.26
C LYS A 287 -14.60 32.20 -16.65
N GLY A 288 -15.08 31.43 -15.68
CA GLY A 288 -15.35 30.04 -15.95
C GLY A 288 -14.07 29.24 -16.11
N THR A 289 -14.23 28.03 -16.64
CA THR A 289 -13.11 27.11 -16.77
C THR A 289 -13.23 26.32 -18.06
N ASP A 290 -12.08 26.16 -18.75
CA ASP A 290 -11.98 25.24 -19.88
C ASP A 290 -11.55 23.88 -19.31
N VAL A 291 -12.56 23.16 -18.81
CA VAL A 291 -12.28 21.87 -18.17
C VAL A 291 -11.62 20.87 -19.12
N PRO A 292 -12.02 20.75 -20.40
CA PRO A 292 -11.31 19.81 -21.29
C PRO A 292 -9.81 20.05 -21.37
N LYS A 293 -9.37 21.31 -21.34
CA LYS A 293 -7.94 21.59 -21.34
C LYS A 293 -7.27 21.05 -20.09
N TRP A 294 -7.87 21.28 -18.93
CA TRP A 294 -7.34 20.72 -17.69
C TRP A 294 -7.27 19.20 -17.75
N ILE A 295 -8.32 18.56 -18.27
CA ILE A 295 -8.37 17.10 -18.29
C ILE A 295 -7.26 16.54 -19.18
N SER A 296 -7.10 17.11 -20.38
CA SER A 296 -6.12 16.59 -21.32
C SER A 296 -4.70 16.71 -20.79
N ILE A 297 -4.35 17.86 -20.23
CA ILE A 297 -2.99 18.05 -19.72
C ILE A 297 -2.71 17.12 -18.55
N MET A 298 -3.66 17.01 -17.62
CA MET A 298 -3.42 16.29 -16.38
C MET A 298 -3.61 14.78 -16.49
N THR A 299 -4.17 14.28 -17.59
CA THR A 299 -4.25 12.84 -17.82
C THR A 299 -3.18 12.32 -18.76
N GLU A 300 -2.67 13.16 -19.66
CA GLU A 300 -1.79 12.69 -20.73
C GLU A 300 -0.31 12.82 -20.39
N ARG A 301 0.10 13.90 -19.72
CA ARG A 301 1.51 14.12 -19.43
C ARG A 301 2.00 13.18 -18.33
N SER A 302 3.28 12.83 -18.40
CA SER A 302 3.88 11.97 -17.41
C SER A 302 3.88 12.64 -16.03
N VAL A 303 4.02 11.81 -14.99
CA VAL A 303 4.04 12.32 -13.63
C VAL A 303 5.19 13.29 -13.39
N PRO A 304 6.45 12.96 -13.71
CA PRO A 304 7.53 13.94 -13.48
C PRO A 304 7.35 15.22 -14.26
N HIS A 305 6.80 15.16 -15.47
CA HIS A 305 6.52 16.36 -16.24
C HIS A 305 5.51 17.25 -15.52
N LEU A 306 4.41 16.67 -15.07
CA LEU A 306 3.37 17.46 -14.41
C LEU A 306 3.83 18.03 -13.08
N GLN A 307 4.73 17.32 -12.38
CA GLN A 307 5.33 17.90 -11.18
C GLN A 307 6.02 19.22 -11.49
N LYS A 308 6.76 19.28 -12.60
CA LYS A 308 7.41 20.52 -12.98
C LYS A 308 6.41 21.53 -13.56
N VAL A 309 5.36 21.04 -14.23
CA VAL A 309 4.32 21.93 -14.72
C VAL A 309 3.67 22.68 -13.56
N PHE A 310 3.37 21.96 -12.47
CA PHE A 310 2.69 22.59 -11.34
C PHE A 310 3.56 23.63 -10.66
N ASP A 311 4.87 23.46 -10.68
CA ASP A 311 5.75 24.50 -10.13
C ASP A 311 5.86 25.68 -11.08
N ARG A 312 6.03 25.42 -12.38
CA ARG A 312 6.01 26.50 -13.36
C ARG A 312 4.69 27.25 -13.35
N TYR A 313 3.60 26.55 -13.01
CA TYR A 313 2.29 27.18 -12.93
C TYR A 313 2.28 28.29 -11.88
N LYS A 314 3.03 28.12 -10.78
CA LYS A 314 3.09 29.14 -9.76
C LYS A 314 3.75 30.43 -10.25
N SER A 315 4.49 30.36 -11.36
CA SER A 315 5.10 31.57 -11.92
C SER A 315 4.06 32.43 -12.62
N TYR A 316 3.02 31.83 -13.18
CA TYR A 316 1.97 32.58 -13.87
C TYR A 316 0.78 32.89 -12.98
N SER A 317 0.48 32.04 -12.00
CA SER A 317 -0.74 32.16 -11.24
C SER A 317 -0.47 32.59 -9.80
N PRO A 318 -1.30 33.47 -9.24
CA PRO A 318 -1.15 33.84 -7.83
C PRO A 318 -1.53 32.72 -6.86
N TYR A 319 -2.20 31.67 -7.34
CA TYR A 319 -2.58 30.53 -6.52
C TYR A 319 -1.95 29.27 -7.11
N ASP A 320 -1.57 28.34 -6.24
CA ASP A 320 -1.00 27.09 -6.73
C ASP A 320 -2.11 26.22 -7.33
N MET A 321 -1.71 25.05 -7.84
CA MET A 321 -2.65 24.22 -8.58
C MET A 321 -3.82 23.76 -7.71
N LEU A 322 -3.52 23.33 -6.47
CA LEU A 322 -4.58 22.87 -5.58
C LEU A 322 -5.57 23.99 -5.27
N GLU A 323 -5.05 25.18 -4.91
CA GLU A 323 -5.94 26.29 -4.57
C GLU A 323 -6.70 26.76 -5.80
N SER A 324 -6.08 26.70 -6.97
CA SER A 324 -6.79 27.06 -8.19
C SER A 324 -7.97 26.13 -8.43
N ILE A 325 -7.79 24.83 -8.17
CA ILE A 325 -8.88 23.86 -8.35
C ILE A 325 -10.05 24.22 -7.44
N ARG A 326 -9.76 24.50 -6.17
CA ARG A 326 -10.83 24.85 -5.23
C ARG A 326 -11.57 26.10 -5.67
N LYS A 327 -10.89 27.03 -6.33
CA LYS A 327 -11.52 28.26 -6.77
C LYS A 327 -12.29 28.11 -8.07
N GLU A 328 -11.96 27.12 -8.89
CA GLU A 328 -12.50 27.01 -10.24
C GLU A 328 -13.67 26.03 -10.37
N VAL A 329 -13.63 24.91 -9.67
CA VAL A 329 -14.63 23.86 -9.84
C VAL A 329 -15.13 23.40 -8.47
N LYS A 330 -16.22 22.63 -8.49
CA LYS A 330 -16.87 22.14 -7.29
C LYS A 330 -17.26 20.68 -7.48
N GLY A 331 -17.80 20.08 -6.41
CA GLY A 331 -18.39 18.76 -6.48
C GLY A 331 -17.41 17.64 -6.74
N ASP A 332 -17.91 16.60 -7.42
CA ASP A 332 -17.07 15.44 -7.74
C ASP A 332 -15.89 15.82 -8.60
N LEU A 333 -16.08 16.75 -9.53
CA LEU A 333 -14.98 17.18 -10.40
C LEU A 333 -13.86 17.80 -9.59
N GLU A 334 -14.20 18.69 -8.65
CA GLU A 334 -13.19 19.29 -7.79
C GLU A 334 -12.51 18.23 -6.94
N ASN A 335 -13.29 17.33 -6.34
CA ASN A 335 -12.73 16.25 -5.54
C ASN A 335 -11.73 15.42 -6.34
N ALA A 336 -12.07 15.13 -7.61
CA ALA A 336 -11.20 14.30 -8.43
C ALA A 336 -9.89 15.02 -8.75
N PHE A 337 -9.98 16.28 -9.16
CA PHE A 337 -8.76 17.02 -9.50
C PHE A 337 -7.85 17.18 -8.29
N LEU A 338 -8.43 17.45 -7.11
CA LEU A 338 -7.63 17.60 -5.90
C LEU A 338 -6.89 16.32 -5.57
N ASN A 339 -7.59 15.18 -5.65
CA ASN A 339 -6.93 13.90 -5.41
C ASN A 339 -5.84 13.62 -6.44
N LEU A 340 -6.12 13.92 -7.71
CA LEU A 340 -5.16 13.61 -8.77
C LEU A 340 -3.89 14.42 -8.62
N VAL A 341 -4.01 15.71 -8.32
CA VAL A 341 -2.83 16.56 -8.18
C VAL A 341 -1.98 16.09 -7.00
N GLN A 342 -2.62 15.72 -5.89
CA GLN A 342 -1.88 15.19 -4.75
C GLN A 342 -1.13 13.92 -5.13
N CYS A 343 -1.80 13.01 -5.85
CA CYS A 343 -1.14 11.78 -6.28
C CYS A 343 0.07 12.09 -7.16
N ILE A 344 -0.04 13.11 -8.02
CA ILE A 344 1.07 13.48 -8.90
C ILE A 344 2.19 14.11 -8.09
N GLN A 345 1.84 15.02 -7.18
CA GLN A 345 2.87 15.78 -6.46
C GLN A 345 3.65 14.90 -5.48
N ASN A 346 2.95 14.05 -4.73
CA ASN A 346 3.59 13.24 -3.69
C ASN A 346 2.61 12.13 -3.30
N LYS A 347 2.75 10.99 -3.96
CA LYS A 347 1.82 9.88 -3.73
C LYS A 347 1.92 9.30 -2.31
N PRO A 348 3.12 9.06 -1.76
CA PRO A 348 3.17 8.62 -0.37
C PRO A 348 2.52 9.58 0.61
N LEU A 349 2.72 10.89 0.42
CA LEU A 349 2.03 11.86 1.27
C LEU A 349 0.53 11.85 1.03
N TYR A 350 0.11 11.59 -0.21
CA TYR A 350 -1.32 11.48 -0.49
C TYR A 350 -1.96 10.38 0.35
N PHE A 351 -1.34 9.21 0.40
CA PHE A 351 -1.90 8.11 1.17
C PHE A 351 -1.78 8.36 2.67
N ALA A 352 -0.69 9.00 3.09
CA ALA A 352 -0.56 9.37 4.50
C ALA A 352 -1.69 10.28 4.94
N ASP A 353 -2.03 11.27 4.11
CA ASP A 353 -3.13 12.18 4.44
C ASP A 353 -4.47 11.46 4.44
N ARG A 354 -4.69 10.55 3.48
CA ARG A 354 -5.93 9.79 3.46
C ARG A 354 -6.05 8.91 4.69
N LEU A 355 -4.95 8.27 5.11
CA LEU A 355 -4.97 7.47 6.32
C LEU A 355 -5.30 8.33 7.54
N TYR A 356 -4.64 9.49 7.65
CA TYR A 356 -4.93 10.40 8.76
C TYR A 356 -6.39 10.83 8.76
N ASP A 357 -6.91 11.22 7.58
CA ASP A 357 -8.32 11.61 7.49
C ASP A 357 -9.24 10.47 7.89
N SER A 358 -8.86 9.22 7.61
CA SER A 358 -9.72 8.09 7.93
C SER A 358 -9.86 7.84 9.42
N MET A 359 -8.94 8.36 10.23
CA MET A 359 -8.92 8.09 11.67
C MET A 359 -8.99 9.34 12.54
N LYS A 360 -8.80 10.53 11.98
CA LYS A 360 -8.55 11.71 12.82
C LYS A 360 -9.75 12.07 13.68
N GLY A 361 -10.97 11.83 13.20
CA GLY A 361 -12.17 12.30 13.85
C GLY A 361 -12.94 11.20 14.53
N LYS A 362 -14.23 11.46 14.75
CA LYS A 362 -15.12 10.50 15.40
C LYS A 362 -15.16 9.20 14.61
N GLY A 363 -14.95 8.08 15.30
CA GLY A 363 -15.00 6.80 14.64
C GLY A 363 -13.86 6.63 13.63
N THR A 364 -14.11 5.75 12.66
CA THR A 364 -13.14 5.42 11.65
C THR A 364 -13.83 5.25 10.30
N ARG A 365 -13.21 5.78 9.26
CA ARG A 365 -13.60 5.45 7.88
C ARG A 365 -12.86 4.17 7.48
N ASP A 366 -13.34 3.07 8.06
CA ASP A 366 -12.67 1.77 7.93
C ASP A 366 -12.49 1.36 6.47
N LYS A 367 -13.45 1.69 5.62
CA LYS A 367 -13.37 1.33 4.21
C LYS A 367 -12.10 1.89 3.57
N VAL A 368 -11.75 3.13 3.93
CA VAL A 368 -10.54 3.75 3.37
C VAL A 368 -9.30 3.19 4.04
N LEU A 369 -9.33 3.08 5.37
CA LEU A 369 -8.18 2.57 6.11
C LEU A 369 -7.80 1.17 5.66
N ILE A 370 -8.79 0.29 5.52
CA ILE A 370 -8.53 -1.09 5.15
C ILE A 370 -7.98 -1.17 3.72
N ARG A 371 -8.61 -0.45 2.79
CA ARG A 371 -8.20 -0.53 1.39
C ARG A 371 -6.75 -0.09 1.21
N ILE A 372 -6.32 0.94 1.94
CA ILE A 372 -4.95 1.42 1.81
C ILE A 372 -3.97 0.41 2.42
N MET A 373 -4.28 -0.10 3.61
CA MET A 373 -3.38 -1.05 4.26
C MET A 373 -3.28 -2.35 3.48
N VAL A 374 -4.36 -2.77 2.82
CA VAL A 374 -4.33 -4.01 2.07
C VAL A 374 -3.58 -3.85 0.74
N SER A 375 -3.79 -2.72 0.06
CA SER A 375 -3.35 -2.57 -1.33
C SER A 375 -1.91 -2.11 -1.48
N ARG A 376 -1.35 -1.42 -0.49
CA ARG A 376 -0.01 -0.88 -0.63
C ARG A 376 1.04 -1.96 -0.46
N SER A 377 2.07 -1.91 -1.31
CA SER A 377 3.21 -2.80 -1.13
C SER A 377 3.95 -2.44 0.15
N GLU A 378 4.75 -3.38 0.63
CA GLU A 378 5.46 -3.16 1.89
C GLU A 378 6.42 -1.98 1.80
N VAL A 379 7.11 -1.84 0.68
CA VAL A 379 8.04 -0.73 0.51
C VAL A 379 7.30 0.59 0.39
N ASP A 380 6.19 0.62 -0.36
CA ASP A 380 5.37 1.83 -0.44
C ASP A 380 4.81 2.21 0.93
N MET A 381 4.44 1.22 1.73
CA MET A 381 3.98 1.50 3.08
C MET A 381 5.08 2.12 3.93
N LEU A 382 6.34 1.78 3.66
CA LEU A 382 7.46 2.44 4.34
C LEU A 382 7.58 3.89 3.90
N LYS A 383 7.37 4.17 2.60
CA LYS A 383 7.33 5.55 2.13
C LYS A 383 6.20 6.31 2.81
N ILE A 384 5.03 5.68 2.92
CA ILE A 384 3.87 6.33 3.54
C ILE A 384 4.13 6.59 5.01
N ARG A 385 4.70 5.60 5.72
CA ARG A 385 4.99 5.76 7.13
C ARG A 385 5.97 6.91 7.38
N SER A 386 6.93 7.09 6.47
CA SER A 386 7.89 8.19 6.63
C SER A 386 7.21 9.54 6.51
N GLU A 387 6.40 9.74 5.45
CA GLU A 387 5.68 11.00 5.30
C GLU A 387 4.72 11.22 6.46
N PHE A 388 4.04 10.16 6.90
CA PHE A 388 3.07 10.28 7.99
C PHE A 388 3.75 10.74 9.27
N LYS A 389 4.85 10.08 9.65
CA LYS A 389 5.52 10.41 10.90
C LYS A 389 6.10 11.83 10.87
N ARG A 390 6.68 12.22 9.73
CA ARG A 390 7.26 13.56 9.63
C ARG A 390 6.19 14.64 9.71
N LYS A 391 5.02 14.38 9.12
CA LYS A 391 3.97 15.41 9.10
C LYS A 391 3.21 15.46 10.42
N TYR A 392 2.82 14.30 10.94
CA TYR A 392 1.89 14.25 12.06
C TYR A 392 2.57 14.03 13.41
N GLY A 393 3.88 13.81 13.44
CA GLY A 393 4.62 13.75 14.69
C GLY A 393 4.66 12.39 15.35
N LYS A 394 3.61 11.60 15.21
CA LYS A 394 3.59 10.22 15.71
C LYS A 394 3.32 9.27 14.55
N SER A 395 3.57 8.00 14.80
CA SER A 395 3.60 7.00 13.74
C SER A 395 2.20 6.67 13.25
N LEU A 396 2.16 6.10 12.04
CA LEU A 396 0.92 5.48 11.57
C LEU A 396 0.49 4.37 12.52
N TYR A 397 1.44 3.58 12.99
CA TYR A 397 1.20 2.55 14.01
C TYR A 397 0.40 3.12 15.18
N TYR A 398 0.81 4.29 15.67
CA TYR A 398 0.17 4.90 16.84
C TYR A 398 -1.29 5.22 16.57
N TYR A 399 -1.59 5.82 15.41
CA TYR A 399 -2.96 6.21 15.11
C TYR A 399 -3.86 4.98 14.89
N ILE A 400 -3.33 3.95 14.23
CA ILE A 400 -4.08 2.70 14.12
C ILE A 400 -4.39 2.13 15.50
N GLN A 401 -3.42 2.21 16.41
CA GLN A 401 -3.62 1.69 17.77
C GLN A 401 -4.78 2.39 18.45
N GLN A 402 -4.88 3.71 18.31
CA GLN A 402 -5.91 4.47 19.02
C GLN A 402 -7.30 4.29 18.41
N ASP A 403 -7.38 4.02 17.11
CA ASP A 403 -8.67 4.00 16.42
C ASP A 403 -9.28 2.62 16.27
N THR A 404 -8.48 1.56 16.40
CA THR A 404 -8.97 0.20 16.22
C THR A 404 -8.53 -0.66 17.40
N LYS A 405 -9.21 -1.80 17.57
CA LYS A 405 -8.94 -2.71 18.67
C LYS A 405 -9.04 -4.16 18.19
N GLY A 406 -8.56 -5.07 19.04
CA GLY A 406 -8.71 -6.49 18.82
C GLY A 406 -7.87 -7.04 17.68
N ASP A 407 -8.32 -8.20 17.17
CA ASP A 407 -7.62 -8.84 16.06
C ASP A 407 -7.62 -7.97 14.81
N TYR A 408 -8.66 -7.15 14.65
CA TYR A 408 -8.68 -6.18 13.56
C TYR A 408 -7.51 -5.21 13.67
N GLN A 409 -7.26 -4.69 14.86
CA GLN A 409 -6.11 -3.82 15.08
C GLN A 409 -4.81 -4.56 14.79
N LYS A 410 -4.70 -5.80 15.28
CA LYS A 410 -3.47 -6.56 15.09
C LYS A 410 -3.18 -6.80 13.61
N ALA A 411 -4.22 -7.08 12.83
CA ALA A 411 -4.04 -7.29 11.40
C ALA A 411 -3.52 -6.02 10.72
N LEU A 412 -4.08 -4.86 11.09
CA LEU A 412 -3.65 -3.61 10.47
C LEU A 412 -2.23 -3.25 10.88
N LEU A 413 -1.85 -3.53 12.12
CA LEU A 413 -0.50 -3.21 12.58
C LEU A 413 0.54 -4.09 11.88
N TYR A 414 0.20 -5.35 11.63
CA TYR A 414 1.08 -6.21 10.83
C TYR A 414 1.24 -5.67 9.42
N LEU A 415 0.14 -5.21 8.82
CA LEU A 415 0.22 -4.61 7.49
C LEU A 415 1.02 -3.31 7.52
N CYS A 416 0.86 -2.53 8.59
CA CYS A 416 1.73 -1.37 8.80
C CYS A 416 3.20 -1.80 8.81
N GLY A 417 3.50 -2.88 9.54
CA GLY A 417 4.81 -3.49 9.51
C GLY A 417 5.74 -3.08 10.64
N GLY A 418 5.41 -2.06 11.40
CA GLY A 418 6.27 -1.64 12.49
C GLY A 418 5.90 -0.26 12.95
N ASP A 419 6.55 0.16 14.04
CA ASP A 419 6.38 1.47 14.62
C ASP A 419 7.50 2.40 14.17
N ASP A 420 7.24 3.70 14.25
CA ASP A 420 8.25 4.69 13.90
C ASP A 420 8.43 5.71 15.02
#